data_6C74
#
_entry.id   6C74
#
_cell.length_a   32.640
_cell.length_b   40.058
_cell.length_c   68.291
_cell.angle_alpha   90.000
_cell.angle_beta   90.000
_cell.angle_gamma   90.000
#
_symmetry.space_group_name_H-M   'P 21 21 21'
#
loop_
_entity.id
_entity.type
_entity.pdbx_description
1 polymer 'CMRF35-like molecule-1'
2 non-polymer PHOSPHOCHOLINE
3 non-polymer 'CALCIUM ION'
4 water water
#
_entity_poly.entity_id   1
_entity_poly.type   'polypeptide(L)'
_entity_poly.pdbx_seq_one_letter_code
;EDPVTGPEEVSGQEQGSLTVQCRYTSGWKDYKKYWCQGVPQRSCKTLVETDASEQLVKKNRVSIRDNQRDFIFTVTMEDL
RMSDAGIYWCGITKGGLDPMFKVTVNIGPVP
;
_entity_poly.pdbx_strand_id   A
#
loop_
_chem_comp.id
_chem_comp.type
_chem_comp.name
_chem_comp.formula
CA non-polymer 'CALCIUM ION' 'Ca 2'
PC non-polymer PHOSPHOCHOLINE 'C5 H15 N O4 P 1'
#
# COMPACT_ATOMS: atom_id res chain seq x y z
N GLU A 1 -18.94 -7.66 0.70
CA GLU A 1 -18.19 -6.61 -0.05
C GLU A 1 -16.73 -6.70 0.37
N ASP A 2 -15.86 -6.10 -0.42
CA ASP A 2 -14.46 -6.12 -0.05
C ASP A 2 -14.14 -4.89 0.81
N PRO A 3 -13.50 -5.06 1.96
CA PRO A 3 -13.16 -3.88 2.77
C PRO A 3 -12.11 -2.98 2.15
N VAL A 4 -11.20 -3.53 1.36
CA VAL A 4 -10.11 -2.76 0.76
C VAL A 4 -9.98 -3.17 -0.71
N THR A 5 -9.91 -2.19 -1.61
CA THR A 5 -9.83 -2.42 -3.05
C THR A 5 -8.74 -1.54 -3.64
N GLY A 6 -7.83 -2.15 -4.37
CA GLY A 6 -6.82 -1.40 -5.06
C GLY A 6 -6.68 -1.90 -6.48
N PRO A 7 -5.58 -1.55 -7.12
CA PRO A 7 -5.31 -2.05 -8.47
C PRO A 7 -4.67 -3.43 -8.37
N GLU A 8 -5.13 -4.37 -9.19
CA GLU A 8 -4.53 -5.70 -9.15
C GLU A 8 -3.09 -5.64 -9.61
N GLU A 9 -2.78 -4.70 -10.49
CA GLU A 9 -1.47 -4.59 -11.10
C GLU A 9 -1.10 -3.12 -11.22
N VAL A 10 0.17 -2.82 -10.97
CA VAL A 10 0.71 -1.48 -11.17
C VAL A 10 2.10 -1.59 -11.76
N SER A 11 2.49 -0.56 -12.50
CA SER A 11 3.79 -0.53 -13.19
C SER A 11 4.58 0.71 -12.82
N GLY A 12 5.90 0.53 -12.73
CA GLY A 12 6.82 1.62 -12.49
C GLY A 12 8.08 1.41 -13.30
N GLN A 13 8.91 2.43 -13.36
CA GLN A 13 10.16 2.39 -14.08
C GLN A 13 11.29 2.64 -13.09
N GLU A 14 12.36 1.89 -13.21
CA GLU A 14 13.53 2.13 -12.40
C GLU A 14 13.90 3.61 -12.44
N GLN A 15 14.19 4.16 -11.24
CA GLN A 15 14.56 5.55 -11.00
C GLN A 15 13.33 6.46 -10.85
N GLY A 16 12.19 6.02 -11.34
CA GLY A 16 10.95 6.77 -11.22
C GLY A 16 10.23 6.45 -9.91
N SER A 17 8.98 6.86 -9.86
CA SER A 17 8.14 6.55 -8.72
C SER A 17 6.86 5.87 -9.20
N LEU A 18 6.14 5.31 -8.25
CA LEU A 18 4.80 4.84 -8.54
C LEU A 18 3.91 5.13 -7.35
N THR A 19 2.64 5.29 -7.65
CA THR A 19 1.62 5.62 -6.67
C THR A 19 0.51 4.59 -6.78
N VAL A 20 0.11 4.06 -5.64
CA VAL A 20 -0.97 3.10 -5.53
C VAL A 20 -2.04 3.70 -4.63
N GLN A 21 -3.28 3.69 -5.09
CA GLN A 21 -4.39 4.11 -4.24
C GLN A 21 -5.21 2.90 -3.84
N CYS A 22 -5.42 2.75 -2.55
CA CYS A 22 -6.28 1.69 -2.03
CA CYS A 22 -6.27 1.68 -2.02
C CYS A 22 -7.50 2.32 -1.40
N ARG A 23 -8.66 2.04 -1.98
CA ARG A 23 -9.91 2.53 -1.42
C ARG A 23 -10.37 1.52 -0.38
N TYR A 24 -11.11 2.00 0.60
CA TYR A 24 -11.63 1.13 1.63
C TYR A 24 -13.05 1.56 1.95
N THR A 25 -13.86 0.63 2.43
CA THR A 25 -15.22 1.00 2.79
C THR A 25 -15.20 1.89 4.03
N SER A 26 -16.20 2.76 4.07
CA SER A 26 -16.19 3.90 5.01
C SER A 26 -16.03 3.47 6.47
N GLY A 27 -16.57 2.32 6.86
CA GLY A 27 -16.52 1.93 8.26
C GLY A 27 -15.12 1.78 8.81
N TRP A 28 -14.13 1.57 7.94
CA TRP A 28 -12.75 1.39 8.34
C TRP A 28 -11.97 2.70 8.48
N LYS A 29 -12.66 3.85 8.49
CA LYS A 29 -12.01 5.15 8.65
C LYS A 29 -10.97 5.16 9.76
N ASP A 30 -11.36 4.80 10.98
CA ASP A 30 -10.54 5.01 12.16
C ASP A 30 -9.58 3.86 12.45
N TYR A 31 -9.25 3.04 11.46
CA TYR A 31 -8.29 1.95 11.60
C TYR A 31 -7.00 2.31 10.87
N LYS A 32 -5.86 1.80 11.37
CA LYS A 32 -4.59 2.09 10.73
C LYS A 32 -4.47 1.37 9.39
N LYS A 33 -3.88 2.06 8.39
CA LYS A 33 -3.75 1.54 7.04
C LYS A 33 -2.28 1.23 6.78
N TYR A 34 -2.00 0.23 5.94
CA TYR A 34 -0.61 -0.11 5.71
C TYR A 34 -0.36 -0.68 4.32
N TRP A 35 0.93 -0.71 3.98
CA TRP A 35 1.46 -1.23 2.73
C TRP A 35 2.52 -2.25 3.09
N CYS A 36 2.33 -3.48 2.63
CA CYS A 36 3.11 -4.62 3.10
C CYS A 36 3.72 -5.31 1.89
N GLN A 37 4.95 -5.79 2.03
CA GLN A 37 5.72 -6.30 0.91
C GLN A 37 6.01 -7.78 1.06
N GLY A 38 5.76 -8.51 0.00
CA GLY A 38 6.30 -9.84 -0.14
C GLY A 38 5.34 -10.95 0.22
N VAL A 39 5.91 -12.15 0.25
CA VAL A 39 5.18 -13.40 0.51
C VAL A 39 5.96 -14.18 1.55
N PRO A 40 5.27 -15.09 2.27
CA PRO A 40 3.84 -15.35 2.21
C PRO A 40 2.98 -14.24 2.82
N GLN A 41 1.70 -14.26 2.46
CA GLN A 41 0.79 -13.15 2.68
C GLN A 41 0.79 -12.66 4.14
N ARG A 42 0.60 -13.57 5.11
CA ARG A 42 0.41 -13.12 6.49
C ARG A 42 1.73 -12.84 7.16
N SER A 43 2.85 -13.03 6.44
CA SER A 43 4.19 -12.76 6.93
C SER A 43 4.88 -11.64 6.13
N CYS A 44 4.12 -10.87 5.37
CA CYS A 44 4.69 -9.79 4.57
C CYS A 44 5.31 -8.75 5.52
N LYS A 45 6.26 -8.00 5.01
CA LYS A 45 6.93 -6.95 5.77
C LYS A 45 6.18 -5.63 5.63
N THR A 46 5.73 -5.07 6.74
CA THR A 46 5.04 -3.78 6.72
C THR A 46 6.08 -2.69 6.49
N LEU A 47 5.95 -1.96 5.37
CA LEU A 47 6.88 -0.91 5.01
C LEU A 47 6.52 0.42 5.65
N VAL A 48 5.22 0.74 5.71
CA VAL A 48 4.72 1.94 6.35
C VAL A 48 3.31 1.62 6.82
N GLU A 49 2.88 2.33 7.87
CA GLU A 49 1.57 2.16 8.49
C GLU A 49 1.14 3.50 9.08
N THR A 50 -0.12 3.90 8.83
CA THR A 50 -0.60 5.15 9.38
C THR A 50 -0.99 4.97 10.85
N ASP A 51 -1.24 6.08 11.54
CA ASP A 51 -1.66 6.09 12.94
C ASP A 51 -3.17 6.28 13.11
N ALA A 52 -3.95 5.99 12.06
CA ALA A 52 -5.41 6.10 12.02
C ALA A 52 -5.88 7.55 11.90
N SER A 53 -4.97 8.48 11.60
CA SER A 53 -5.30 9.84 11.22
C SER A 53 -4.92 10.05 9.77
N GLU A 54 -5.07 11.30 9.30
CA GLU A 54 -4.68 11.69 7.94
C GLU A 54 -3.21 12.05 7.81
N GLN A 55 -2.43 11.96 8.89
CA GLN A 55 -1.02 12.36 8.86
C GLN A 55 -0.17 11.45 7.97
N LEU A 56 0.73 12.06 7.23
CA LEU A 56 1.69 11.33 6.41
C LEU A 56 2.67 10.51 7.25
N VAL A 57 2.95 9.29 6.80
CA VAL A 57 4.06 8.50 7.31
C VAL A 57 4.97 8.22 6.12
N LYS A 58 6.25 8.56 6.24
CA LYS A 58 7.21 8.28 5.19
C LYS A 58 8.42 7.60 5.82
N LYS A 59 8.78 6.43 5.32
CA LYS A 59 9.91 5.67 5.85
C LYS A 59 10.68 5.16 4.66
N ASN A 60 11.96 5.45 4.62
CA ASN A 60 12.84 5.00 3.55
C ASN A 60 12.24 5.57 2.27
N ARG A 61 11.97 4.77 1.26
CA ARG A 61 11.52 5.29 -0.03
C ARG A 61 10.01 5.24 -0.19
N VAL A 62 9.25 5.08 0.90
CA VAL A 62 7.83 4.77 0.80
C VAL A 62 7.04 5.70 1.69
N SER A 63 5.91 6.20 1.17
CA SER A 63 5.03 7.06 1.94
C SER A 63 3.59 6.56 1.85
N ILE A 64 2.83 6.87 2.89
CA ILE A 64 1.40 6.52 2.95
C ILE A 64 0.65 7.65 3.63
N ARG A 65 -0.53 7.94 3.10
CA ARG A 65 -1.41 8.95 3.69
C ARG A 65 -2.86 8.58 3.43
N ASP A 66 -3.66 8.67 4.49
CA ASP A 66 -5.07 8.28 4.49
C ASP A 66 -5.94 9.53 4.30
N ASN A 67 -6.74 9.55 3.23
CA ASN A 67 -7.79 10.55 3.02
C ASN A 67 -9.07 9.98 3.61
N GLN A 68 -9.44 10.49 4.78
CA GLN A 68 -10.61 9.97 5.50
C GLN A 68 -11.90 10.69 5.15
N ARG A 69 -11.86 11.61 4.20
CA ARG A 69 -13.07 12.23 3.65
C ARG A 69 -13.64 11.37 2.54
N ASP A 70 -12.77 10.84 1.68
CA ASP A 70 -13.14 10.06 0.51
C ASP A 70 -12.79 8.58 0.65
N PHE A 71 -12.12 8.19 1.73
CA PHE A 71 -11.84 6.79 2.08
C PHE A 71 -10.90 6.16 1.07
N ILE A 72 -9.73 6.78 0.91
CA ILE A 72 -8.71 6.29 0.00
C ILE A 72 -7.36 6.59 0.63
N PHE A 73 -6.52 5.56 0.78
CA PHE A 73 -5.14 5.78 1.21
C PHE A 73 -4.18 5.64 0.03
N THR A 74 -3.22 6.56 -0.03
CA THR A 74 -2.28 6.66 -1.14
C THR A 74 -0.89 6.27 -0.69
N VAL A 75 -0.28 5.35 -1.43
CA VAL A 75 1.07 4.89 -1.18
C VAL A 75 1.93 5.35 -2.35
N THR A 76 3.11 5.94 -2.05
CA THR A 76 4.09 6.23 -3.07
C THR A 76 5.39 5.52 -2.77
N MET A 77 6.00 4.92 -3.79
CA MET A 77 7.36 4.38 -3.69
C MET A 77 8.23 5.13 -4.70
N GLU A 78 9.32 5.73 -4.23
CA GLU A 78 10.18 6.56 -5.06
C GLU A 78 11.53 5.91 -5.29
N ASP A 79 12.26 6.48 -6.26
CA ASP A 79 13.58 5.99 -6.69
C ASP A 79 13.58 4.47 -6.86
N LEU A 80 12.66 4.02 -7.70
CA LEU A 80 12.41 2.59 -7.81
C LEU A 80 13.63 1.83 -8.28
N ARG A 81 13.77 0.62 -7.76
CA ARG A 81 14.77 -0.34 -8.19
C ARG A 81 14.06 -1.59 -8.68
N MET A 82 14.76 -2.39 -9.49
CA MET A 82 14.15 -3.63 -9.99
C MET A 82 13.75 -4.57 -8.84
N SER A 83 14.43 -4.52 -7.70
CA SER A 83 14.03 -5.34 -6.56
C SER A 83 12.73 -4.86 -5.92
N ASP A 84 12.17 -3.72 -6.35
CA ASP A 84 10.88 -3.30 -5.83
C ASP A 84 9.71 -3.99 -6.49
N ALA A 85 9.91 -4.77 -7.54
CA ALA A 85 8.78 -5.46 -8.16
C ALA A 85 8.32 -6.62 -7.26
N GLY A 86 7.17 -7.18 -7.59
CA GLY A 86 6.67 -8.35 -6.89
C GLY A 86 5.33 -8.13 -6.22
N ILE A 87 5.04 -8.96 -5.24
CA ILE A 87 3.74 -8.96 -4.60
C ILE A 87 3.75 -8.04 -3.38
N TYR A 88 2.71 -7.22 -3.27
CA TYR A 88 2.50 -6.33 -2.14
C TYR A 88 1.04 -6.43 -1.72
N TRP A 89 0.72 -5.79 -0.59
CA TRP A 89 -0.63 -5.82 -0.05
C TRP A 89 -1.01 -4.46 0.52
N CYS A 90 -2.20 -3.95 0.17
CA CYS A 90 -2.79 -2.91 0.99
CA CYS A 90 -2.81 -2.92 0.99
C CYS A 90 -3.55 -3.59 2.13
N GLY A 91 -3.40 -3.06 3.33
CA GLY A 91 -3.99 -3.69 4.48
C GLY A 91 -4.58 -2.70 5.46
N ILE A 92 -5.45 -3.25 6.31
CA ILE A 92 -6.03 -2.53 7.44
C ILE A 92 -5.71 -3.33 8.69
N THR A 93 -5.15 -2.67 9.70
CA THR A 93 -4.81 -3.35 10.94
C THR A 93 -6.03 -3.47 11.84
N LYS A 94 -6.32 -4.69 12.25
CA LYS A 94 -7.30 -4.89 13.29
C LYS A 94 -6.88 -6.08 14.13
N GLY A 95 -7.47 -6.16 15.32
CA GLY A 95 -7.38 -7.39 16.08
C GLY A 95 -7.94 -8.54 15.25
N GLY A 96 -7.25 -9.68 15.32
CA GLY A 96 -7.62 -10.78 14.48
C GLY A 96 -7.13 -10.59 13.06
N LEU A 97 -7.82 -11.24 12.14
CA LEU A 97 -7.41 -11.30 10.74
C LEU A 97 -7.55 -9.93 10.08
N ASP A 98 -6.47 -9.42 9.49
CA ASP A 98 -6.51 -8.11 8.84
C ASP A 98 -7.16 -8.21 7.46
N PRO A 99 -7.99 -7.24 7.08
CA PRO A 99 -8.32 -7.07 5.66
C PRO A 99 -7.04 -6.81 4.85
N MET A 100 -6.92 -7.50 3.71
CA MET A 100 -5.76 -7.36 2.83
C MET A 100 -6.19 -7.46 1.38
N PHE A 101 -5.45 -6.76 0.50
CA PHE A 101 -5.72 -6.80 -0.94
C PHE A 101 -4.39 -6.87 -1.68
N LYS A 102 -4.25 -7.88 -2.56
CA LYS A 102 -2.99 -8.11 -3.26
C LYS A 102 -2.80 -7.16 -4.45
N VAL A 103 -1.63 -6.54 -4.53
CA VAL A 103 -1.21 -5.69 -5.64
C VAL A 103 0.09 -6.25 -6.17
N THR A 104 0.15 -6.54 -7.47
CA THR A 104 1.39 -6.99 -8.09
C THR A 104 2.05 -5.82 -8.81
N VAL A 105 3.35 -5.63 -8.54
CA VAL A 105 4.12 -4.50 -9.07
C VAL A 105 5.07 -5.01 -10.15
N ASN A 106 5.04 -4.37 -11.32
CA ASN A 106 6.00 -4.62 -12.39
C ASN A 106 6.92 -3.40 -12.50
N ILE A 107 8.23 -3.65 -12.56
CA ILE A 107 9.23 -2.60 -12.73
C ILE A 107 10.01 -2.86 -14.02
N GLY A 108 10.21 -1.82 -14.81
CA GLY A 108 11.06 -1.89 -15.97
C GLY A 108 12.41 -1.21 -15.73
N PRO A 109 13.47 -1.73 -16.34
CA PRO A 109 14.81 -1.22 -16.09
C PRO A 109 15.13 0.01 -16.92
N VAL A 110 16.15 0.75 -16.46
CA VAL A 110 16.68 1.87 -17.24
C VAL A 110 17.25 1.33 -18.55
N PRO A 111 17.13 2.05 -19.67
CA PRO A 111 17.89 1.61 -20.85
C PRO A 111 19.40 1.75 -20.67
P1 PC B . -2.92 -10.74 10.53
O1 PC B . -2.81 -11.99 11.40
O3 PC B . -4.07 -10.88 9.60
O4 PC B . -3.02 -9.55 11.44
O2 PC B . -1.56 -10.60 9.60
C1 PC B . -0.31 -10.43 10.20
C2 PC B . 0.18 -8.97 10.09
N1 PC B . 0.60 -8.60 8.74
C3 PC B . 0.68 -7.15 8.70
C4 PC B . -0.37 -9.00 7.73
C5 PC B . 1.88 -9.17 8.41
H11 PC B . -0.38 -10.67 11.15
H12 PC B . 0.33 -11.01 9.78
H21 PC B . 0.94 -8.86 10.69
H22 PC B . -0.53 -8.38 10.37
H31 PC B . -0.02 -6.76 9.24
H32 PC B . 0.60 -6.84 7.78
H33 PC B . 1.55 -6.87 9.05
H41 PC B . -1.23 -8.59 7.91
H42 PC B . -0.48 -9.97 7.76
H43 PC B . -0.06 -8.73 6.85
H51 PC B . 2.00 -9.19 7.45
H52 PC B . 1.93 -10.08 8.76
H53 PC B . 2.59 -8.64 8.81
CA CA C . -4.41 -8.32 12.85
#